data_2IK7
#
_entry.id   2IK7
#
_cell.length_a   51.652
_cell.length_b   93.000
_cell.length_c   69.266
_cell.angle_alpha   90.00
_cell.angle_beta   99.33
_cell.angle_gamma   90.00
#
_symmetry.space_group_name_H-M   'P 1 21 1'
#
loop_
_entity.id
_entity.type
_entity.pdbx_description
1 polymer 'Inorganic pyrophosphatase'
2 non-polymer 'MAGNESIUM ION'
3 non-polymer 'PHOSPHATE ION'
4 water water
#
_entity_poly.entity_id   1
_entity_poly.type   'polypeptide(L)'
_entity_poly.pdbx_seq_one_letter_code
;TYTTRQIGAKNTLEYKVYIEKDGKPVSAFHDIPLYADKENNIFNMVVEIPRWTNAKLEITKEETLNPIIQDTKKGKLRFV
RNCFPHHGYIHNYGAFPQTWEDPNVSHPETKAVGDNDPINVLEIGETIAYTGQVKQVKALGIMALLDEGETDWKVIAIDI
NDPLAPKLNDIEDVEKYFPGLLRATNEWFRIYKIPDGKPENQFAFSGEAKNKKYALDIIKETHDSWKQLIAGKSSDSKGI
DLTNVTLPDTPTYSKAASDAIPPASLKADAPIDKSIDKWFFISGSV
;
_entity_poly.pdbx_strand_id   A,B
#
loop_
_chem_comp.id
_chem_comp.type
_chem_comp.name
_chem_comp.formula
MG non-polymer 'MAGNESIUM ION' 'Mg 2'
PO4 non-polymer 'PHOSPHATE ION' 'O4 P -3'
#
# COMPACT_ATOMS: atom_id res chain seq x y z
N THR A 1 -22.78 -20.46 8.09
CA THR A 1 -21.51 -20.09 7.40
C THR A 1 -21.70 -18.88 6.50
N TYR A 2 -20.85 -17.87 6.70
CA TYR A 2 -20.93 -16.64 5.90
C TYR A 2 -19.97 -16.62 4.71
N THR A 3 -20.52 -16.30 3.54
CA THR A 3 -19.76 -16.10 2.34
C THR A 3 -20.20 -14.78 1.70
N THR A 4 -19.72 -14.51 0.50
CA THR A 4 -20.06 -13.26 -0.18
C THR A 4 -20.54 -13.55 -1.59
N ARG A 5 -21.44 -12.72 -2.08
CA ARG A 5 -21.88 -12.82 -3.46
C ARG A 5 -21.62 -11.48 -4.11
N GLN A 6 -20.73 -11.45 -5.11
CA GLN A 6 -20.36 -10.23 -5.84
C GLN A 6 -21.12 -10.06 -7.14
N ILE A 7 -21.80 -8.94 -7.26
CA ILE A 7 -22.39 -8.49 -8.54
C ILE A 7 -21.45 -7.44 -9.17
N GLY A 8 -21.09 -7.64 -10.43
CA GLY A 8 -20.32 -6.65 -11.16
C GLY A 8 -18.83 -6.69 -10.93
N ALA A 9 -18.14 -5.71 -11.50
CA ALA A 9 -16.70 -5.52 -11.35
C ALA A 9 -16.44 -4.53 -10.24
N LYS A 10 -15.48 -4.84 -9.41
CA LYS A 10 -15.05 -3.89 -8.39
C LYS A 10 -14.59 -2.55 -9.04
N ASN A 11 -14.79 -1.45 -8.32
CA ASN A 11 -14.42 -0.12 -8.81
C ASN A 11 -15.34 0.40 -9.94
N THR A 12 -16.61 -0.06 -9.91
CA THR A 12 -17.62 0.46 -10.83
C THR A 12 -18.90 0.79 -10.06
N LEU A 13 -19.80 1.48 -10.72
CA LEU A 13 -21.07 1.83 -10.08
C LEU A 13 -21.98 0.60 -9.84
N GLU A 14 -21.78 -0.47 -10.59
CA GLU A 14 -22.65 -1.65 -10.56
C GLU A 14 -22.27 -2.66 -9.49
N TYR A 15 -21.09 -2.49 -8.90
CA TYR A 15 -20.52 -3.37 -7.91
C TYR A 15 -21.41 -3.41 -6.65
N LYS A 16 -21.70 -4.62 -6.18
CA LYS A 16 -22.41 -4.85 -4.94
C LYS A 16 -21.85 -6.17 -4.37
N VAL A 17 -21.70 -6.22 -3.05
CA VAL A 17 -21.42 -7.50 -2.39
C VAL A 17 -22.52 -7.72 -1.37
N TYR A 18 -23.19 -8.86 -1.46
CA TYR A 18 -24.17 -9.24 -0.45
C TYR A 18 -23.49 -10.26 0.44
N ILE A 19 -23.77 -10.23 1.74
CA ILE A 19 -23.40 -11.34 2.58
C ILE A 19 -24.46 -12.46 2.49
N GLU A 20 -23.98 -13.68 2.36
CA GLU A 20 -24.80 -14.89 2.37
C GLU A 20 -24.57 -15.69 3.65
N LYS A 21 -25.65 -16.11 4.29
CA LYS A 21 -25.62 -17.18 5.27
C LYS A 21 -26.13 -18.48 4.65
N ASP A 22 -25.31 -19.52 4.68
CA ASP A 22 -25.57 -20.76 3.97
C ASP A 22 -26.13 -20.53 2.58
N GLY A 23 -25.46 -19.67 1.82
CA GLY A 23 -25.75 -19.51 0.40
C GLY A 23 -26.90 -18.61 0.07
N LYS A 24 -27.49 -18.01 1.11
CA LYS A 24 -28.69 -17.19 0.98
C LYS A 24 -28.44 -15.77 1.46
N PRO A 25 -28.58 -14.78 0.57
CA PRO A 25 -28.39 -13.37 0.93
C PRO A 25 -29.19 -12.95 2.16
N VAL A 26 -28.51 -12.32 3.10
CA VAL A 26 -29.13 -11.71 4.25
C VAL A 26 -28.76 -10.23 4.30
N SER A 27 -29.43 -9.46 5.14
CA SER A 27 -29.09 -8.06 5.30
C SER A 27 -27.79 -7.92 6.10
N ALA A 28 -26.81 -7.26 5.50
CA ALA A 28 -25.54 -7.02 6.18
C ALA A 28 -25.63 -6.02 7.36
N PHE A 29 -26.70 -5.20 7.38
CA PHE A 29 -26.99 -4.22 8.44
C PHE A 29 -27.73 -4.92 9.60
N HIS A 30 -28.81 -5.62 9.28
CA HIS A 30 -29.82 -6.03 10.28
C HIS A 30 -29.78 -7.51 10.65
N ASP A 31 -29.29 -8.36 9.75
CA ASP A 31 -29.35 -9.83 9.91
C ASP A 31 -28.11 -10.58 10.42
N ILE A 32 -26.98 -9.91 10.58
CA ILE A 32 -25.80 -10.52 11.19
C ILE A 32 -25.84 -10.12 12.65
N PRO A 33 -25.90 -11.10 13.55
CA PRO A 33 -25.95 -10.75 14.97
C PRO A 33 -24.70 -10.00 15.40
N LEU A 34 -24.90 -8.94 16.17
CA LEU A 34 -23.79 -8.20 16.71
C LEU A 34 -22.82 -9.09 17.48
N TYR A 35 -23.35 -10.01 18.28
CA TYR A 35 -22.51 -10.86 19.12
C TYR A 35 -22.31 -12.20 18.47
N ALA A 36 -21.05 -12.63 18.36
CA ALA A 36 -20.77 -14.02 18.03
C ALA A 36 -20.69 -14.85 19.33
N ASP A 37 -20.25 -14.21 20.42
CA ASP A 37 -20.26 -14.79 21.76
C ASP A 37 -20.51 -13.69 22.76
N LYS A 38 -21.77 -13.52 23.14
CA LYS A 38 -22.14 -12.36 23.94
C LYS A 38 -21.49 -12.37 25.32
N GLU A 39 -21.39 -13.56 25.88
CA GLU A 39 -20.88 -13.74 27.22
C GLU A 39 -19.42 -13.27 27.33
N ASN A 40 -18.67 -13.43 26.25
CA ASN A 40 -17.27 -13.03 26.21
C ASN A 40 -17.03 -11.76 25.39
N ASN A 41 -18.11 -11.07 25.03
CA ASN A 41 -18.04 -9.85 24.24
C ASN A 41 -17.19 -10.00 22.97
N ILE A 42 -17.43 -11.09 22.24
CA ILE A 42 -16.83 -11.30 20.93
C ILE A 42 -17.87 -10.88 19.91
N PHE A 43 -17.52 -9.89 19.07
CA PHE A 43 -18.46 -9.28 18.14
C PHE A 43 -18.26 -9.83 16.74
N ASN A 44 -19.32 -9.83 15.95
CA ASN A 44 -19.19 -10.00 14.51
C ASN A 44 -18.91 -8.64 13.86
N MET A 45 -17.79 -8.54 13.13
CA MET A 45 -17.47 -7.34 12.33
C MET A 45 -17.74 -7.60 10.85
N VAL A 46 -18.50 -6.72 10.20
CA VAL A 46 -18.64 -6.67 8.74
C VAL A 46 -17.52 -5.79 8.20
N VAL A 47 -16.63 -6.41 7.44
CA VAL A 47 -15.50 -5.70 6.82
C VAL A 47 -15.99 -5.00 5.55
N GLU A 48 -15.75 -3.70 5.48
CA GLU A 48 -16.08 -2.93 4.28
C GLU A 48 -14.86 -2.66 3.39
N ILE A 49 -13.75 -2.25 4.01
CA ILE A 49 -12.56 -1.78 3.27
C ILE A 49 -11.31 -2.43 3.81
N PRO A 50 -10.60 -3.19 2.98
CA PRO A 50 -9.33 -3.77 3.42
C PRO A 50 -8.27 -2.72 3.64
N ARG A 51 -7.39 -2.98 4.60
CA ARG A 51 -6.22 -2.14 4.81
C ARG A 51 -5.45 -1.90 3.52
N TRP A 52 -5.08 -0.63 3.32
CA TRP A 52 -4.21 -0.13 2.24
C TRP A 52 -4.91 -0.04 0.89
N THR A 53 -6.25 0.06 0.91
CA THR A 53 -7.03 0.35 -0.28
C THR A 53 -7.69 1.71 -0.16
N ASN A 54 -8.27 2.13 -1.27
CA ASN A 54 -8.85 3.46 -1.42
C ASN A 54 -10.34 3.51 -1.70
N ALA A 55 -10.85 2.55 -2.47
CA ALA A 55 -12.26 2.54 -2.84
C ALA A 55 -13.12 2.57 -1.58
N LYS A 56 -14.00 3.59 -1.46
CA LYS A 56 -14.79 3.82 -0.26
C LYS A 56 -16.04 2.94 -0.33
N LEU A 57 -15.83 1.66 -0.02
CA LEU A 57 -16.89 0.67 -0.03
C LEU A 57 -17.63 0.70 1.29
N GLU A 58 -18.93 0.45 1.28
CA GLU A 58 -19.70 0.52 2.53
C GLU A 58 -21.05 -0.17 2.44
N ILE A 59 -21.55 -0.64 3.57
CA ILE A 59 -22.91 -1.16 3.67
C ILE A 59 -23.85 0.02 3.30
N THR A 60 -24.70 -0.18 2.34
CA THR A 60 -25.57 0.91 1.94
C THR A 60 -26.90 0.80 2.69
N LYS A 61 -27.35 1.95 3.17
CA LYS A 61 -28.57 2.03 3.96
C LYS A 61 -29.84 1.90 3.11
N GLU A 62 -29.81 2.42 1.89
CA GLU A 62 -31.05 2.62 1.13
C GLU A 62 -31.34 1.56 0.03
N GLU A 63 -30.62 0.44 0.03
CA GLU A 63 -30.92 -0.69 -0.82
C GLU A 63 -31.27 -1.92 0.01
N THR A 64 -32.10 -2.78 -0.58
CA THR A 64 -32.63 -3.97 0.07
C THR A 64 -31.57 -5.03 0.32
N LEU A 65 -31.56 -5.45 1.57
CA LEU A 65 -30.52 -6.28 2.21
C LEU A 65 -29.13 -5.62 2.36
N ASN A 66 -29.07 -4.32 2.12
CA ASN A 66 -27.94 -3.49 2.55
C ASN A 66 -26.59 -4.01 2.09
N PRO A 67 -26.48 -4.25 0.79
CA PRO A 67 -25.25 -4.77 0.20
C PRO A 67 -24.17 -3.75 0.34
N ILE A 68 -22.92 -4.20 0.26
CA ILE A 68 -21.77 -3.29 0.27
C ILE A 68 -21.61 -2.77 -1.14
N ILE A 69 -21.60 -1.46 -1.32
CA ILE A 69 -21.40 -0.82 -2.62
C ILE A 69 -20.35 0.26 -2.48
N GLN A 70 -19.92 0.85 -3.59
CA GLN A 70 -19.00 1.99 -3.49
C GLN A 70 -19.78 3.30 -3.31
N ASP A 71 -19.32 4.07 -2.35
CA ASP A 71 -19.84 5.40 -2.12
C ASP A 71 -19.63 6.26 -3.38
N THR A 72 -20.56 7.17 -3.59
CA THR A 72 -20.52 8.12 -4.71
C THR A 72 -20.86 9.53 -4.22
N LYS A 73 -20.36 10.53 -4.92
CA LYS A 73 -20.87 11.88 -4.70
C LYS A 73 -21.25 12.45 -6.04
N LYS A 74 -22.54 12.73 -6.22
CA LYS A 74 -23.08 13.34 -7.42
C LYS A 74 -22.70 12.50 -8.64
N GLY A 75 -22.81 11.17 -8.49
CA GLY A 75 -22.61 10.25 -9.60
C GLY A 75 -21.20 9.75 -9.82
N LYS A 76 -20.24 10.21 -9.05
CA LYS A 76 -18.84 9.86 -9.22
C LYS A 76 -18.35 8.95 -8.11
N LEU A 77 -17.65 7.88 -8.47
CA LEU A 77 -17.19 6.94 -7.45
C LEU A 77 -16.23 7.61 -6.49
N ARG A 78 -16.37 7.32 -5.20
CA ARG A 78 -15.50 7.94 -4.18
C ARG A 78 -14.32 7.01 -3.87
N PHE A 79 -13.10 7.57 -3.94
CA PHE A 79 -11.89 6.92 -3.48
C PHE A 79 -11.25 7.82 -2.47
N VAL A 80 -11.00 7.29 -1.28
CA VAL A 80 -10.23 8.05 -0.29
C VAL A 80 -8.76 8.20 -0.81
N ARG A 81 -8.21 9.39 -0.68
CA ARG A 81 -6.90 9.74 -1.20
C ARG A 81 -5.80 9.33 -0.21
N ASN A 82 -4.60 9.19 -0.76
CA ASN A 82 -3.43 8.78 0.01
C ASN A 82 -2.90 10.02 0.68
N CYS A 83 -2.81 10.00 2.00
CA CYS A 83 -2.32 11.16 2.77
C CYS A 83 -1.02 10.78 3.44
N PHE A 84 0.10 11.34 2.98
CA PHE A 84 1.42 10.97 3.47
C PHE A 84 1.47 11.06 5.00
N PRO A 85 2.04 10.09 5.72
CA PRO A 85 2.75 8.90 5.19
C PRO A 85 1.90 7.64 4.98
N HIS A 86 0.59 7.82 4.97
CA HIS A 86 -0.39 6.74 4.88
C HIS A 86 -0.73 6.36 3.43
N HIS A 87 -1.04 5.07 3.26
CA HIS A 87 -1.50 4.47 2.02
C HIS A 87 -2.93 4.00 2.19
N GLY A 88 -3.86 4.73 1.59
CA GLY A 88 -5.26 4.43 1.75
C GLY A 88 -5.66 4.40 3.20
N TYR A 89 -6.56 3.49 3.53
CA TYR A 89 -6.98 3.19 4.91
C TYR A 89 -5.86 2.41 5.60
N ILE A 90 -5.56 2.79 6.84
CA ILE A 90 -4.50 2.13 7.63
C ILE A 90 -5.01 1.07 8.63
N HIS A 91 -6.31 0.74 8.54
CA HIS A 91 -6.92 -0.38 9.25
C HIS A 91 -7.77 -1.21 8.30
N ASN A 92 -8.06 -2.46 8.66
CA ASN A 92 -9.22 -3.11 8.08
C ASN A 92 -10.43 -2.35 8.68
N TYR A 93 -11.30 -1.88 7.80
CA TYR A 93 -12.32 -0.91 8.17
C TYR A 93 -13.69 -1.44 7.90
N GLY A 94 -14.58 -1.21 8.86
CA GLY A 94 -15.94 -1.66 8.70
C GLY A 94 -16.86 -1.23 9.80
N ALA A 95 -17.80 -2.10 10.13
CA ALA A 95 -18.86 -1.77 11.08
C ALA A 95 -19.36 -2.97 11.80
N PHE A 96 -20.01 -2.72 12.92
CA PHE A 96 -20.71 -3.79 13.62
C PHE A 96 -22.13 -3.73 13.12
N PRO A 97 -22.68 -4.88 12.75
CA PRO A 97 -24.06 -4.95 12.32
C PRO A 97 -24.95 -4.77 13.55
N GLN A 98 -26.20 -4.44 13.26
CA GLN A 98 -27.18 -4.22 14.32
C GLN A 98 -26.81 -3.09 15.26
N THR A 99 -26.24 -2.01 14.72
CA THR A 99 -25.96 -0.78 15.47
C THR A 99 -26.29 0.45 14.65
N TRP A 100 -26.47 1.59 15.33
CA TRP A 100 -26.83 2.88 14.70
C TRP A 100 -26.34 4.13 15.50
N GLU A 101 -25.55 5.01 14.88
CA GLU A 101 -25.27 6.32 15.47
C GLU A 101 -26.52 7.20 15.28
N ASP A 102 -27.50 7.10 16.18
CA ASP A 102 -28.78 7.82 16.08
C ASP A 102 -28.63 9.28 15.70
N PRO A 103 -29.22 9.69 14.59
CA PRO A 103 -29.03 11.05 14.07
C PRO A 103 -30.01 12.06 14.66
N ASN A 104 -30.96 11.56 15.43
CA ASN A 104 -32.04 12.37 16.01
C ASN A 104 -31.81 12.84 17.45
N VAL A 105 -30.74 12.39 18.09
CA VAL A 105 -30.43 12.86 19.44
C VAL A 105 -28.95 13.18 19.62
N SER A 106 -28.71 14.19 20.46
CA SER A 106 -27.38 14.65 20.75
C SER A 106 -26.70 13.70 21.72
N HIS A 107 -25.47 13.32 21.42
CA HIS A 107 -24.74 12.38 22.25
C HIS A 107 -24.01 13.20 23.31
N PRO A 108 -24.21 12.91 24.60
CA PRO A 108 -23.67 13.78 25.67
C PRO A 108 -22.16 13.84 25.73
N GLU A 109 -21.49 12.81 25.22
CA GLU A 109 -20.03 12.71 25.27
C GLU A 109 -19.37 13.64 24.25
N THR A 110 -20.10 13.94 23.18
CA THR A 110 -19.56 14.73 22.07
C THR A 110 -20.37 15.96 21.68
N LYS A 111 -21.53 16.16 22.30
CA LYS A 111 -22.44 17.25 21.97
C LYS A 111 -22.81 17.28 20.49
N ALA A 112 -23.04 16.11 19.90
CA ALA A 112 -23.43 16.06 18.49
C ALA A 112 -24.33 14.88 18.18
N VAL A 113 -25.16 15.05 17.17
CA VAL A 113 -25.96 13.93 16.68
C VAL A 113 -25.06 12.90 16.00
N GLY A 114 -25.50 11.65 15.96
CA GLY A 114 -24.82 10.56 15.26
C GLY A 114 -24.84 10.71 13.75
N ASP A 115 -23.94 9.98 13.05
CA ASP A 115 -23.80 10.14 11.58
C ASP A 115 -24.73 9.24 10.76
N ASN A 116 -25.69 8.62 11.45
CA ASN A 116 -26.78 7.83 10.83
C ASN A 116 -26.40 6.41 10.32
N ASP A 117 -25.23 5.89 10.74
CA ASP A 117 -24.64 4.69 10.16
C ASP A 117 -24.41 3.69 11.30
N PRO A 118 -24.21 2.43 10.96
CA PRO A 118 -23.71 1.48 11.95
C PRO A 118 -22.37 2.00 12.52
N ILE A 119 -22.10 1.69 13.78
CA ILE A 119 -20.88 2.14 14.43
C ILE A 119 -19.67 1.50 13.74
N ASN A 120 -18.65 2.32 13.54
CA ASN A 120 -17.48 1.90 12.79
C ASN A 120 -16.42 1.24 13.65
N VAL A 121 -15.68 0.36 13.01
CA VAL A 121 -14.71 -0.51 13.64
C VAL A 121 -13.40 -0.50 12.89
N LEU A 122 -12.32 -0.35 13.63
CA LEU A 122 -10.98 -0.34 13.09
C LEU A 122 -10.35 -1.64 13.60
N GLU A 123 -10.19 -2.61 12.71
CA GLU A 123 -9.54 -3.87 13.04
C GLU A 123 -8.05 -3.88 12.71
N ILE A 124 -7.21 -4.03 13.73
CA ILE A 124 -5.78 -3.71 13.66
C ILE A 124 -4.84 -4.87 13.46
N GLY A 125 -5.38 -6.07 13.25
CA GLY A 125 -4.57 -7.26 13.04
C GLY A 125 -3.70 -7.28 11.77
N GLU A 126 -2.76 -8.24 11.74
CA GLU A 126 -1.80 -8.41 10.65
C GLU A 126 -2.41 -8.65 9.31
N THR A 127 -3.39 -9.56 9.23
CA THR A 127 -3.90 -10.03 7.97
C THR A 127 -4.88 -9.02 7.33
N ILE A 128 -4.68 -8.72 6.05
CA ILE A 128 -5.59 -7.83 5.32
C ILE A 128 -6.89 -8.60 5.06
N ALA A 129 -8.00 -7.94 5.34
CA ALA A 129 -9.34 -8.53 5.23
C ALA A 129 -9.90 -8.37 3.83
N TYR A 130 -11.08 -8.94 3.59
CA TYR A 130 -11.78 -8.81 2.33
C TYR A 130 -13.15 -8.18 2.55
N THR A 131 -13.56 -7.40 1.55
CA THR A 131 -14.85 -6.75 1.58
C THR A 131 -15.95 -7.79 1.68
N GLY A 132 -16.81 -7.61 2.66
CA GLY A 132 -17.91 -8.51 2.87
C GLY A 132 -17.62 -9.59 3.89
N GLN A 133 -16.36 -9.65 4.36
CA GLN A 133 -15.94 -10.66 5.37
C GLN A 133 -16.68 -10.43 6.68
N VAL A 134 -17.13 -11.52 7.31
CA VAL A 134 -17.68 -11.44 8.65
C VAL A 134 -16.58 -12.06 9.50
N LYS A 135 -15.93 -11.26 10.31
CA LYS A 135 -14.91 -11.79 11.19
C LYS A 135 -15.30 -11.59 12.64
N GLN A 136 -14.72 -12.37 13.51
CA GLN A 136 -14.94 -12.23 14.96
C GLN A 136 -13.81 -11.48 15.64
N VAL A 137 -14.18 -10.44 16.40
CA VAL A 137 -13.21 -9.52 16.97
C VAL A 137 -13.49 -9.28 18.45
N LYS A 138 -12.47 -8.90 19.19
CA LYS A 138 -12.64 -8.42 20.54
C LYS A 138 -12.40 -6.90 20.52
N ALA A 139 -13.16 -6.16 21.32
CA ALA A 139 -13.01 -4.72 21.38
C ALA A 139 -11.90 -4.33 22.37
N LEU A 140 -11.04 -3.40 21.96
CA LEU A 140 -9.92 -2.92 22.79
C LEU A 140 -10.10 -1.52 23.37
N GLY A 141 -10.83 -0.68 22.65
CA GLY A 141 -11.11 0.65 23.13
C GLY A 141 -11.90 1.38 22.08
N ILE A 142 -11.96 2.72 22.19
CA ILE A 142 -12.82 3.50 21.33
C ILE A 142 -12.40 4.95 21.27
N MET A 143 -12.61 5.62 20.12
CA MET A 143 -12.25 7.03 19.95
C MET A 143 -13.46 7.77 19.46
N ALA A 144 -13.62 9.01 19.89
CA ALA A 144 -14.81 9.83 19.58
C ALA A 144 -14.51 10.83 18.47
N LEU A 145 -14.74 10.42 17.23
CA LEU A 145 -14.57 11.28 16.07
C LEU A 145 -15.85 12.11 15.85
N LEU A 146 -15.65 13.43 15.72
CA LEU A 146 -16.65 14.34 15.20
C LEU A 146 -16.36 14.43 13.69
N ASP A 147 -17.15 13.70 12.90
CA ASP A 147 -16.95 13.59 11.43
C ASP A 147 -17.82 14.64 10.77
N GLU A 148 -17.17 15.71 10.31
CA GLU A 148 -17.85 16.92 9.86
C GLU A 148 -18.95 17.28 10.86
N GLY A 149 -18.60 17.26 12.15
CA GLY A 149 -19.50 17.69 13.22
C GLY A 149 -20.55 16.70 13.73
N GLU A 150 -20.44 15.41 13.40
CA GLU A 150 -21.40 14.38 13.85
C GLU A 150 -20.68 13.26 14.59
N THR A 151 -21.32 12.68 15.59
CA THR A 151 -20.67 11.67 16.44
C THR A 151 -20.42 10.40 15.64
N ASP A 152 -19.15 9.97 15.61
CA ASP A 152 -18.71 8.94 14.71
C ASP A 152 -17.60 8.17 15.44
N TRP A 153 -18.03 7.50 16.51
CA TRP A 153 -17.18 6.61 17.29
C TRP A 153 -16.50 5.59 16.38
N LYS A 154 -15.23 5.34 16.70
CA LYS A 154 -14.43 4.35 16.05
C LYS A 154 -13.94 3.34 17.12
N VAL A 155 -14.49 2.13 17.06
CA VAL A 155 -14.06 1.04 17.94
C VAL A 155 -12.73 0.48 17.46
N ILE A 156 -11.81 0.25 18.37
CA ILE A 156 -10.51 -0.34 18.05
C ILE A 156 -10.60 -1.80 18.48
N ALA A 157 -10.40 -2.69 17.54
CA ALA A 157 -10.68 -4.10 17.68
C ALA A 157 -9.58 -4.93 17.04
N ILE A 158 -9.52 -6.21 17.41
CA ILE A 158 -8.61 -7.17 16.78
C ILE A 158 -9.32 -8.50 16.53
N ASP A 159 -9.07 -9.05 15.36
CA ASP A 159 -9.49 -10.38 14.98
C ASP A 159 -9.04 -11.42 16.06
N ILE A 160 -9.99 -12.16 16.59
CA ILE A 160 -9.67 -13.19 17.61
C ILE A 160 -8.71 -14.28 17.06
N ASN A 161 -8.62 -14.40 15.74
CA ASN A 161 -7.61 -15.29 15.09
C ASN A 161 -6.20 -14.74 14.95
N ASP A 162 -6.00 -13.46 15.20
CA ASP A 162 -4.70 -12.86 15.11
C ASP A 162 -3.73 -13.46 16.13
N PRO A 163 -2.50 -13.74 15.70
CA PRO A 163 -1.48 -14.28 16.61
C PRO A 163 -1.32 -13.55 17.92
N LEU A 164 -1.56 -12.24 17.93
CA LEU A 164 -1.43 -11.39 19.11
C LEU A 164 -2.68 -11.22 19.93
N ALA A 165 -3.80 -11.77 19.49
CA ALA A 165 -5.08 -11.55 20.17
C ALA A 165 -5.07 -11.91 21.67
N PRO A 166 -4.45 -13.03 22.06
CA PRO A 166 -4.36 -13.39 23.49
C PRO A 166 -3.59 -12.37 24.35
N LYS A 167 -2.66 -11.63 23.76
CA LYS A 167 -1.91 -10.58 24.46
C LYS A 167 -2.57 -9.20 24.40
N LEU A 168 -3.66 -9.07 23.65
CA LEU A 168 -4.34 -7.79 23.48
C LEU A 168 -5.71 -7.88 24.12
N ASN A 169 -5.87 -7.23 25.26
CA ASN A 169 -7.16 -7.20 25.93
C ASN A 169 -7.73 -5.80 26.26
N ASP A 170 -6.88 -4.77 26.28
CA ASP A 170 -7.34 -3.40 26.56
C ASP A 170 -6.50 -2.40 25.78
N ILE A 171 -6.91 -1.14 25.80
CA ILE A 171 -6.35 -0.10 24.96
C ILE A 171 -4.85 0.12 25.20
N GLU A 172 -4.41 -0.10 26.44
CA GLU A 172 -2.99 -0.02 26.79
C GLU A 172 -2.11 -1.02 26.04
N ASP A 173 -2.66 -2.18 25.72
CA ASP A 173 -1.94 -3.20 24.95
C ASP A 173 -1.68 -2.77 23.51
N VAL A 174 -2.56 -1.93 22.96
CA VAL A 174 -2.33 -1.36 21.62
C VAL A 174 -1.05 -0.52 21.61
N GLU A 175 -0.84 0.25 22.67
CA GLU A 175 0.40 1.06 22.80
C GLU A 175 1.64 0.18 22.89
N LYS A 176 1.51 -0.99 23.53
CA LYS A 176 2.63 -1.92 23.70
C LYS A 176 3.10 -2.47 22.37
N TYR A 177 2.17 -3.11 21.68
CA TYR A 177 2.45 -3.95 20.52
C TYR A 177 2.35 -3.19 19.19
N PHE A 178 1.64 -2.08 19.18
CA PHE A 178 1.48 -1.29 17.97
C PHE A 178 1.84 0.18 18.22
N PRO A 179 3.03 0.49 18.75
CA PRO A 179 3.36 1.87 19.10
C PRO A 179 3.25 2.77 17.87
N GLY A 180 2.59 3.93 18.01
CA GLY A 180 2.39 4.85 16.90
C GLY A 180 1.05 4.73 16.12
N LEU A 181 0.42 3.57 16.20
CA LEU A 181 -0.81 3.31 15.46
C LEU A 181 -1.97 4.20 15.95
N LEU A 182 -2.09 4.37 17.27
CA LEU A 182 -3.12 5.28 17.81
C LEU A 182 -2.86 6.72 17.35
N ARG A 183 -1.60 7.16 17.34
CA ARG A 183 -1.30 8.52 16.81
C ARG A 183 -1.69 8.63 15.31
N ALA A 184 -1.32 7.60 14.58
CA ALA A 184 -1.55 7.55 13.15
C ALA A 184 -3.06 7.55 12.90
N THR A 185 -3.79 6.84 13.75
CA THR A 185 -5.25 6.78 13.68
C THR A 185 -5.87 8.13 13.92
N ASN A 186 -5.41 8.83 14.94
CA ASN A 186 -5.86 10.21 15.20
C ASN A 186 -5.62 11.16 13.98
N GLU A 187 -4.39 11.16 13.48
CA GLU A 187 -4.03 11.93 12.31
C GLU A 187 -4.86 11.60 11.09
N TRP A 188 -5.04 10.31 10.81
CA TRP A 188 -5.72 9.84 9.60
C TRP A 188 -7.15 10.38 9.51
N PHE A 189 -7.90 10.17 10.58
CA PHE A 189 -9.31 10.57 10.61
C PHE A 189 -9.50 12.08 10.70
N ARG A 190 -8.49 12.81 11.16
CA ARG A 190 -8.49 14.26 11.11
C ARG A 190 -8.35 14.79 9.69
N ILE A 191 -7.39 14.26 8.92
CA ILE A 191 -7.00 14.82 7.63
C ILE A 191 -7.51 14.12 6.39
N TYR A 192 -8.10 12.93 6.48
CA TYR A 192 -8.30 12.13 5.26
C TYR A 192 -9.21 12.75 4.20
N LYS A 193 -10.06 13.72 4.59
CA LYS A 193 -10.95 14.38 3.61
C LYS A 193 -10.51 15.78 3.18
N ILE A 194 -9.36 16.23 3.70
CA ILE A 194 -8.79 17.49 3.25
C ILE A 194 -8.48 17.50 1.74
N PRO A 195 -7.90 16.44 1.19
CA PRO A 195 -7.71 16.37 -0.27
C PRO A 195 -9.01 16.48 -1.04
N ASP A 196 -10.15 16.06 -0.48
CA ASP A 196 -11.47 16.28 -1.11
C ASP A 196 -11.97 17.74 -1.03
N GLY A 197 -11.32 18.59 -0.25
CA GLY A 197 -11.79 19.95 -0.04
C GLY A 197 -12.70 20.11 1.19
N LYS A 198 -12.69 19.14 2.09
CA LYS A 198 -13.44 19.21 3.35
C LYS A 198 -12.57 19.67 4.52
N PRO A 199 -13.17 20.11 5.62
CA PRO A 199 -12.36 20.59 6.74
C PRO A 199 -11.65 19.44 7.46
N GLU A 200 -10.62 19.76 8.22
CA GLU A 200 -10.07 18.83 9.21
C GLU A 200 -11.18 18.40 10.18
N ASN A 201 -11.25 17.10 10.51
CA ASN A 201 -12.15 16.60 11.53
C ASN A 201 -11.51 16.80 12.90
N GLN A 202 -12.29 16.58 13.95
CA GLN A 202 -11.78 16.70 15.31
C GLN A 202 -12.28 15.52 16.14
N PHE A 203 -11.58 15.26 17.24
CA PHE A 203 -11.95 14.21 18.18
C PHE A 203 -12.34 14.88 19.51
N ALA A 204 -13.35 14.32 20.20
CA ALA A 204 -13.56 14.66 21.60
C ALA A 204 -12.44 14.02 22.45
N PHE A 205 -12.36 14.42 23.73
CA PHE A 205 -11.36 13.97 24.71
C PHE A 205 -9.92 14.13 24.25
N SER A 206 -9.64 15.16 23.48
CA SER A 206 -8.29 15.41 22.95
C SER A 206 -7.73 14.23 22.18
N GLY A 207 -8.60 13.48 21.52
CA GLY A 207 -8.18 12.35 20.72
C GLY A 207 -7.92 11.08 21.52
N GLU A 208 -8.18 11.14 22.83
CA GLU A 208 -7.96 10.00 23.72
C GLU A 208 -8.71 8.80 23.23
N ALA A 209 -8.05 7.66 23.23
CA ALA A 209 -8.70 6.36 23.06
C ALA A 209 -9.18 5.86 24.44
N LYS A 210 -10.49 5.83 24.66
CA LYS A 210 -11.08 5.27 25.87
C LYS A 210 -10.90 3.77 25.90
N ASN A 211 -10.91 3.20 27.10
CA ASN A 211 -10.62 1.80 27.29
C ASN A 211 -11.80 0.88 26.90
N LYS A 212 -11.63 -0.41 27.09
CA LYS A 212 -12.60 -1.41 26.64
C LYS A 212 -14.01 -1.31 27.27
N LYS A 213 -14.05 -1.09 28.58
CA LYS A 213 -15.33 -0.98 29.30
C LYS A 213 -16.14 0.18 28.73
N TYR A 214 -15.49 1.31 28.54
CA TYR A 214 -16.11 2.46 27.88
C TYR A 214 -16.64 2.11 26.49
N ALA A 215 -15.85 1.40 25.70
CA ALA A 215 -16.25 0.93 24.36
C ALA A 215 -17.47 -0.03 24.35
N LEU A 216 -17.49 -0.99 25.25
CA LEU A 216 -18.62 -1.88 25.39
C LEU A 216 -19.90 -1.14 25.72
N ASP A 217 -19.83 -0.08 26.53
CA ASP A 217 -20.99 0.72 26.85
C ASP A 217 -21.53 1.45 25.60
N ILE A 218 -20.62 2.07 24.86
CA ILE A 218 -21.02 2.82 23.67
C ILE A 218 -21.64 1.85 22.67
N ILE A 219 -20.97 0.72 22.44
CA ILE A 219 -21.48 -0.24 21.48
C ILE A 219 -22.86 -0.71 21.87
N LYS A 220 -23.09 -0.99 23.15
CA LYS A 220 -24.39 -1.47 23.59
C LYS A 220 -25.45 -0.37 23.36
N GLU A 221 -25.05 0.88 23.58
CA GLU A 221 -25.89 2.06 23.34
C GLU A 221 -26.33 2.23 21.88
N THR A 222 -25.41 2.03 20.94
CA THR A 222 -25.74 2.04 19.51
C THR A 222 -26.56 0.83 19.09
N HIS A 223 -26.38 -0.30 19.77
CA HIS A 223 -27.16 -1.49 19.53
C HIS A 223 -28.62 -1.27 20.00
N ASP A 224 -28.80 -0.50 21.09
CA ASP A 224 -30.13 -0.10 21.54
C ASP A 224 -30.69 0.96 20.60
N SER A 225 -29.85 1.89 20.14
CA SER A 225 -30.29 2.85 19.13
C SER A 225 -30.82 2.09 17.93
N TRP A 226 -30.17 0.96 17.61
CA TRP A 226 -30.58 0.08 16.51
C TRP A 226 -31.91 -0.65 16.76
N LYS A 227 -32.12 -1.14 17.98
CA LYS A 227 -33.39 -1.84 18.31
C LYS A 227 -34.58 -0.88 18.22
N GLN A 228 -34.41 0.37 18.60
CA GLN A 228 -35.49 1.36 18.40
C GLN A 228 -35.73 1.57 16.90
N LEU A 229 -34.65 1.66 16.13
CA LEU A 229 -34.71 1.84 14.66
C LEU A 229 -35.53 0.77 13.99
N ILE A 230 -35.13 -0.47 14.24
CA ILE A 230 -35.64 -1.61 13.48
C ILE A 230 -37.06 -1.91 13.91
N ALA A 231 -37.41 -1.49 15.12
CA ALA A 231 -38.79 -1.55 15.61
C ALA A 231 -39.73 -0.54 14.93
N GLY A 232 -39.17 0.32 14.10
CA GLY A 232 -39.95 1.41 13.53
C GLY A 232 -40.39 2.40 14.58
N LYS A 233 -39.65 2.47 15.69
CA LYS A 233 -39.97 3.37 16.80
C LYS A 233 -39.15 4.66 16.68
N SER A 234 -38.93 5.06 15.44
CA SER A 234 -38.05 6.16 15.05
C SER A 234 -38.76 7.47 14.97
N SER A 235 -38.24 8.53 15.58
CA SER A 235 -38.74 9.85 15.21
C SER A 235 -38.35 10.16 13.76
N ASP A 236 -37.27 9.53 13.27
CA ASP A 236 -36.79 9.75 11.91
C ASP A 236 -35.78 8.67 11.48
N SER A 237 -36.26 7.70 10.70
CA SER A 237 -35.42 6.60 10.23
C SER A 237 -34.56 6.96 8.98
N LYS A 238 -34.70 8.19 8.50
CA LYS A 238 -33.78 8.81 7.53
C LYS A 238 -33.55 7.97 6.26
N GLY A 239 -34.63 7.34 5.78
CA GLY A 239 -34.66 6.67 4.50
C GLY A 239 -33.91 5.35 4.45
N ILE A 240 -33.51 4.85 5.61
CA ILE A 240 -32.80 3.58 5.72
C ILE A 240 -33.76 2.48 5.30
N ASP A 241 -33.27 1.47 4.59
CA ASP A 241 -34.03 0.28 4.25
C ASP A 241 -33.91 -0.80 5.34
N LEU A 242 -35.06 -1.07 5.97
CA LEU A 242 -35.16 -1.89 7.17
C LEU A 242 -35.55 -3.34 6.93
N THR A 243 -35.63 -3.76 5.67
CA THR A 243 -35.92 -5.15 5.28
C THR A 243 -34.89 -6.17 5.84
N ASN A 244 -35.36 -7.35 6.27
CA ASN A 244 -34.51 -8.44 6.83
C ASN A 244 -35.10 -9.84 6.58
N VAL A 245 -34.33 -10.91 6.74
CA VAL A 245 -34.75 -12.32 6.38
C VAL A 245 -34.49 -13.48 7.38
N THR A 246 -33.92 -13.21 8.55
CA THR A 246 -33.66 -14.24 9.57
C THR A 246 -34.46 -14.04 10.86
N LEU A 247 -35.20 -12.92 10.92
CA LEU A 247 -35.74 -12.34 12.13
C LEU A 247 -37.28 -12.52 12.05
N PRO A 251 -41.59 -6.87 11.35
CA PRO A 251 -42.48 -5.97 10.61
C PRO A 251 -41.97 -5.78 9.20
N THR A 252 -41.00 -4.87 8.99
CA THR A 252 -40.29 -4.80 7.71
C THR A 252 -39.62 -6.14 7.41
N TYR A 253 -39.89 -7.18 8.20
CA TYR A 253 -39.46 -8.54 7.87
C TYR A 253 -40.03 -8.93 6.54
N SER A 254 -39.24 -9.68 5.78
CA SER A 254 -39.56 -9.97 4.40
C SER A 254 -38.67 -11.11 3.92
N LYS A 255 -39.16 -12.33 4.12
CA LYS A 255 -38.39 -13.54 3.81
C LYS A 255 -38.19 -13.72 2.30
N ALA A 256 -39.03 -13.09 1.49
CA ALA A 256 -38.86 -13.09 0.03
C ALA A 256 -37.56 -12.39 -0.46
N ALA A 257 -37.07 -11.42 0.31
CA ALA A 257 -35.95 -10.57 -0.12
C ALA A 257 -34.72 -11.33 -0.58
N SER A 258 -34.39 -12.41 0.11
CA SER A 258 -33.22 -13.23 -0.20
C SER A 258 -33.22 -13.89 -1.59
N ASP A 259 -34.38 -14.35 -2.08
CA ASP A 259 -34.48 -14.94 -3.42
C ASP A 259 -34.44 -13.87 -4.52
N ALA A 260 -34.88 -12.66 -4.19
CA ALA A 260 -34.93 -11.56 -5.15
C ALA A 260 -33.53 -11.03 -5.52
N ILE A 261 -32.52 -11.31 -4.71
CA ILE A 261 -31.16 -10.87 -5.05
C ILE A 261 -30.72 -11.56 -6.34
N PRO A 262 -30.15 -10.83 -7.30
CA PRO A 262 -29.59 -11.45 -8.50
C PRO A 262 -28.49 -12.44 -8.20
N PRO A 263 -28.14 -13.27 -9.18
CA PRO A 263 -27.05 -14.22 -8.97
C PRO A 263 -25.71 -13.51 -9.03
N ALA A 264 -24.69 -14.19 -8.52
CA ALA A 264 -23.30 -13.74 -8.55
C ALA A 264 -22.81 -13.48 -9.96
N SER A 265 -22.00 -12.44 -10.09
CA SER A 265 -21.03 -12.29 -11.17
C SER A 265 -19.68 -12.14 -10.52
N LYS A 267 -17.08 -10.30 -11.95
CA LYS A 267 -16.17 -9.75 -12.98
C LYS A 267 -14.84 -9.34 -12.38
N ALA A 268 -13.78 -9.29 -13.19
CA ALA A 268 -12.49 -8.84 -12.68
C ALA A 268 -12.57 -7.35 -12.28
N ASP A 269 -11.73 -6.97 -11.33
CA ASP A 269 -11.67 -5.58 -10.87
C ASP A 269 -11.51 -4.68 -12.07
N ALA A 270 -12.31 -3.63 -12.13
CA ALA A 270 -12.08 -2.60 -13.13
C ALA A 270 -10.82 -1.77 -12.76
N PRO A 271 -10.21 -1.12 -13.76
CA PRO A 271 -9.09 -0.21 -13.51
C PRO A 271 -9.49 0.98 -12.68
N ILE A 272 -8.57 1.44 -11.86
CA ILE A 272 -8.75 2.69 -11.10
C ILE A 272 -7.95 3.81 -11.77
N ASP A 273 -8.58 4.98 -11.93
CA ASP A 273 -7.88 6.11 -12.51
C ASP A 273 -6.52 6.33 -11.78
N LYS A 274 -5.48 6.62 -12.56
CA LYS A 274 -4.14 6.83 -12.03
C LYS A 274 -4.05 7.94 -11.01
N SER A 275 -4.98 8.89 -11.04
CA SER A 275 -4.98 9.98 -10.07
C SER A 275 -5.07 9.47 -8.64
N ILE A 276 -5.72 8.32 -8.45
CA ILE A 276 -5.82 7.73 -7.11
C ILE A 276 -4.46 7.32 -6.50
N ASP A 277 -3.45 7.11 -7.33
CA ASP A 277 -2.09 6.80 -6.82
C ASP A 277 -1.52 7.95 -6.02
N LYS A 278 -1.93 9.19 -6.34
CA LYS A 278 -1.25 10.38 -5.84
C LYS A 278 -1.17 10.45 -4.30
N TRP A 279 0.02 10.82 -3.82
CA TRP A 279 0.26 11.00 -2.40
C TRP A 279 0.18 12.51 -2.07
N PHE A 280 -0.72 12.86 -1.15
CA PHE A 280 -0.95 14.24 -0.73
C PHE A 280 -0.20 14.51 0.54
N PHE A 281 0.45 15.67 0.57
CA PHE A 281 1.27 16.06 1.71
C PHE A 281 0.62 17.20 2.44
N THR B 1 11.28 2.02 -29.12
CA THR B 1 10.38 2.07 -27.91
C THR B 1 10.68 0.88 -26.97
N TYR B 2 10.69 1.12 -25.64
CA TYR B 2 10.89 0.03 -24.66
C TYR B 2 9.59 -0.59 -24.19
N THR B 3 9.56 -1.91 -24.20
CA THR B 3 8.48 -2.75 -23.70
C THR B 3 9.06 -3.83 -22.77
N THR B 4 8.15 -4.63 -22.24
CA THR B 4 8.54 -5.75 -21.40
C THR B 4 8.11 -7.07 -22.04
N ARG B 5 8.85 -8.10 -21.69
CA ARG B 5 8.52 -9.50 -21.99
C ARG B 5 8.51 -10.21 -20.68
N GLN B 6 7.34 -10.64 -20.25
CA GLN B 6 7.21 -11.37 -18.99
C GLN B 6 7.06 -12.85 -19.29
N ILE B 7 7.86 -13.62 -18.56
CA ILE B 7 7.79 -15.06 -18.50
C ILE B 7 7.19 -15.45 -17.13
N GLY B 8 6.14 -16.25 -17.14
CA GLY B 8 5.55 -16.83 -15.93
C GLY B 8 4.63 -15.88 -15.19
N ALA B 9 4.32 -16.26 -13.96
CA ALA B 9 3.42 -15.51 -13.07
C ALA B 9 4.26 -14.71 -12.10
N LYS B 10 3.83 -13.49 -11.83
CA LYS B 10 4.46 -12.66 -10.82
C LYS B 10 4.30 -13.34 -9.48
N ASN B 11 5.27 -13.13 -8.60
CA ASN B 11 5.26 -13.75 -7.25
C ASN B 11 5.55 -15.26 -7.28
N THR B 12 6.29 -15.71 -8.30
CA THR B 12 6.81 -17.09 -8.37
C THR B 12 8.28 -17.12 -8.72
N LEU B 13 8.91 -18.27 -8.50
CA LEU B 13 10.33 -18.46 -8.78
C LEU B 13 10.66 -18.38 -10.27
N GLU B 14 9.69 -18.73 -11.10
CA GLU B 14 9.81 -18.80 -12.56
C GLU B 14 9.69 -17.41 -13.24
N TYR B 15 9.14 -16.43 -12.52
CA TYR B 15 8.93 -15.10 -13.10
C TYR B 15 10.25 -14.42 -13.54
N LYS B 16 10.19 -13.90 -14.76
CA LYS B 16 11.26 -13.08 -15.34
C LYS B 16 10.66 -11.95 -16.14
N VAL B 17 11.29 -10.77 -16.11
CA VAL B 17 10.92 -9.74 -17.03
C VAL B 17 12.14 -9.21 -17.76
N TYR B 18 12.12 -9.32 -19.08
CA TYR B 18 13.19 -8.74 -19.92
C TYR B 18 12.68 -7.44 -20.45
N ILE B 19 13.57 -6.47 -20.62
CA ILE B 19 13.24 -5.23 -21.32
C ILE B 19 13.56 -5.43 -22.79
N GLU B 20 12.62 -4.97 -23.63
CA GLU B 20 12.69 -5.10 -25.06
C GLU B 20 12.86 -3.74 -25.72
N LYS B 21 13.64 -3.72 -26.80
CA LYS B 21 13.59 -2.62 -27.79
C LYS B 21 13.18 -3.23 -29.14
N ASP B 22 12.24 -2.60 -29.84
CA ASP B 22 11.67 -3.15 -31.09
C ASP B 22 11.20 -4.57 -30.94
N GLY B 23 10.65 -4.91 -29.78
CA GLY B 23 10.13 -6.22 -29.51
C GLY B 23 11.13 -7.34 -29.27
N LYS B 24 12.41 -7.00 -29.14
CA LYS B 24 13.47 -7.96 -28.88
C LYS B 24 14.24 -7.60 -27.58
N PRO B 25 14.44 -8.57 -26.70
CA PRO B 25 15.25 -8.36 -25.49
C PRO B 25 16.60 -7.67 -25.72
N VAL B 26 16.88 -6.72 -24.85
CA VAL B 26 18.22 -6.15 -24.65
C VAL B 26 18.62 -6.31 -23.16
N SER B 27 19.90 -6.11 -22.85
CA SER B 27 20.31 -6.19 -21.45
C SER B 27 19.80 -4.99 -20.63
N ALA B 28 19.03 -5.23 -19.59
CA ALA B 28 18.50 -4.18 -18.73
C ALA B 28 19.63 -3.43 -17.96
N PHE B 29 20.75 -4.12 -17.81
CA PHE B 29 21.93 -3.61 -17.10
C PHE B 29 22.76 -2.79 -18.09
N HIS B 30 23.02 -3.33 -19.30
CA HIS B 30 24.09 -2.82 -20.18
C HIS B 30 23.67 -2.03 -21.41
N ASP B 31 22.49 -2.31 -21.94
CA ASP B 31 22.08 -1.81 -23.25
C ASP B 31 21.15 -0.61 -23.21
N ILE B 32 20.58 -0.30 -22.04
CA ILE B 32 19.71 0.88 -21.96
C ILE B 32 20.63 2.04 -21.61
N PRO B 33 20.68 3.07 -22.45
CA PRO B 33 21.59 4.21 -22.22
C PRO B 33 21.36 4.90 -20.87
N LEU B 34 22.45 5.23 -20.16
CA LEU B 34 22.32 5.97 -18.91
C LEU B 34 21.55 7.28 -19.13
N TYR B 35 21.89 7.97 -20.22
CA TYR B 35 21.25 9.25 -20.55
C TYR B 35 20.21 9.11 -21.64
N ALA B 36 19.01 9.58 -21.35
CA ALA B 36 17.98 9.88 -22.35
C ALA B 36 18.32 11.17 -23.08
N ASP B 37 18.93 12.11 -22.36
CA ASP B 37 19.29 13.44 -22.90
C ASP B 37 20.46 13.95 -22.10
N LYS B 38 21.64 13.65 -22.60
CA LYS B 38 22.89 14.00 -21.92
C LYS B 38 23.05 15.49 -21.62
N GLU B 39 22.68 16.33 -22.57
CA GLU B 39 22.88 17.76 -22.38
C GLU B 39 22.03 18.30 -21.24
N ASN B 40 20.86 17.73 -21.01
CA ASN B 40 20.00 18.19 -19.93
C ASN B 40 19.97 17.26 -18.72
N ASN B 41 20.92 16.33 -18.65
CA ASN B 41 20.99 15.37 -17.55
C ASN B 41 19.67 14.65 -17.29
N ILE B 42 19.01 14.21 -18.35
CA ILE B 42 17.84 13.35 -18.21
C ILE B 42 18.29 11.89 -18.35
N PHE B 43 17.98 11.07 -17.35
CA PHE B 43 18.41 9.69 -17.26
C PHE B 43 17.29 8.75 -17.58
N ASN B 44 17.66 7.57 -18.06
CA ASN B 44 16.80 6.45 -18.15
C ASN B 44 16.91 5.71 -16.83
N MET B 45 15.76 5.54 -16.18
CA MET B 45 15.65 4.73 -14.99
C MET B 45 14.96 3.44 -15.39
N VAL B 46 15.55 2.33 -14.98
CA VAL B 46 14.91 1.02 -15.02
C VAL B 46 14.16 0.82 -13.71
N VAL B 47 12.83 0.76 -13.76
CA VAL B 47 12.02 0.48 -12.58
C VAL B 47 12.03 -1.00 -12.28
N GLU B 48 12.35 -1.33 -11.04
CA GLU B 48 12.30 -2.71 -10.56
C GLU B 48 11.04 -2.95 -9.70
N ILE B 49 10.74 -2.03 -8.79
CA ILE B 49 9.71 -2.23 -7.74
C ILE B 49 8.74 -1.06 -7.70
N PRO B 50 7.45 -1.29 -7.98
CA PRO B 50 6.51 -0.17 -7.87
C PRO B 50 6.29 0.27 -6.45
N ARG B 51 5.98 1.55 -6.25
CA ARG B 51 5.63 2.04 -4.94
C ARG B 51 4.49 1.22 -4.30
N TRP B 52 4.64 0.99 -2.98
CA TRP B 52 3.69 0.26 -2.13
C TRP B 52 3.55 -1.24 -2.40
N THR B 53 4.55 -1.83 -3.03
CA THR B 53 4.61 -3.27 -3.17
C THR B 53 5.79 -3.82 -2.37
N ASN B 54 5.85 -5.14 -2.32
CA ASN B 54 6.81 -5.87 -1.46
C ASN B 54 7.80 -6.80 -2.17
N ALA B 55 7.34 -7.52 -3.17
CA ALA B 55 8.20 -8.44 -3.92
C ALA B 55 9.48 -7.76 -4.37
N LYS B 56 10.61 -8.34 -3.99
CA LYS B 56 11.87 -7.71 -4.18
C LYS B 56 12.41 -8.10 -5.55
N LEU B 57 11.81 -7.51 -6.58
CA LEU B 57 12.17 -7.81 -7.94
C LEU B 57 13.41 -6.97 -8.23
N GLU B 58 14.41 -7.56 -8.87
CA GLU B 58 15.62 -6.79 -9.29
C GLU B 58 16.32 -7.30 -10.54
N ILE B 59 17.04 -6.42 -11.21
CA ILE B 59 17.88 -6.82 -12.34
C ILE B 59 18.83 -7.93 -11.88
N THR B 60 18.96 -8.97 -12.69
CA THR B 60 19.74 -10.14 -12.36
C THR B 60 21.08 -10.08 -13.09
N LYS B 61 22.14 -9.78 -12.37
CA LYS B 61 23.47 -9.53 -12.94
C LYS B 61 24.06 -10.74 -13.66
N GLU B 62 23.71 -11.93 -13.15
CA GLU B 62 24.41 -13.18 -13.47
C GLU B 62 23.67 -13.95 -14.54
N GLU B 63 22.59 -13.36 -15.08
CA GLU B 63 21.73 -13.99 -16.07
C GLU B 63 21.83 -13.24 -17.39
N THR B 64 21.87 -13.96 -18.50
CA THR B 64 22.08 -13.32 -19.81
C THR B 64 20.98 -12.32 -20.16
N LEU B 65 21.40 -11.09 -20.44
CA LEU B 65 20.54 -9.92 -20.77
C LEU B 65 19.83 -9.39 -19.53
N ASN B 66 20.31 -9.89 -18.38
CA ASN B 66 19.97 -9.33 -17.08
C ASN B 66 18.50 -9.04 -16.83
N PRO B 67 17.63 -10.04 -17.00
CA PRO B 67 16.20 -9.83 -16.77
C PRO B 67 15.94 -9.57 -15.29
N ILE B 68 14.81 -8.94 -15.00
CA ILE B 68 14.42 -8.69 -13.61
C ILE B 68 13.79 -9.98 -13.08
N ILE B 69 14.24 -10.42 -11.91
CA ILE B 69 13.77 -11.68 -11.31
C ILE B 69 13.62 -11.40 -9.82
N GLN B 70 12.66 -12.04 -9.18
CA GLN B 70 12.46 -11.84 -7.74
C GLN B 70 13.65 -12.42 -6.99
N ASP B 71 14.20 -11.63 -6.09
CA ASP B 71 15.32 -12.00 -5.27
C ASP B 71 14.83 -13.14 -4.39
N THR B 72 15.75 -13.97 -3.93
CA THR B 72 15.43 -15.05 -3.00
C THR B 72 16.42 -15.01 -1.87
N LYS B 73 15.97 -15.46 -0.71
CA LYS B 73 16.83 -15.66 0.45
C LYS B 73 16.77 -17.13 0.80
N LYS B 74 17.93 -17.78 0.81
CA LYS B 74 18.01 -19.23 1.00
C LYS B 74 16.94 -20.00 0.21
N GLY B 75 16.72 -19.54 -1.02
CA GLY B 75 15.84 -20.20 -1.99
C GLY B 75 14.36 -19.83 -2.01
N LYS B 76 13.91 -19.11 -0.98
CA LYS B 76 12.53 -18.66 -0.87
C LYS B 76 12.39 -17.24 -1.41
N LEU B 77 11.30 -16.99 -2.11
CA LEU B 77 10.93 -15.66 -2.58
C LEU B 77 11.12 -14.64 -1.48
N ARG B 78 11.82 -13.56 -1.82
CA ARG B 78 12.09 -12.48 -0.88
C ARG B 78 11.04 -11.40 -1.10
N PHE B 79 10.29 -11.08 -0.04
CA PHE B 79 9.39 -9.93 0.01
C PHE B 79 9.87 -8.99 1.11
N VAL B 80 10.10 -7.72 0.76
CA VAL B 80 10.39 -6.71 1.78
C VAL B 80 9.16 -6.53 2.68
N ARG B 81 9.39 -6.46 3.97
CA ARG B 81 8.27 -6.49 4.92
C ARG B 81 7.77 -5.07 5.15
N ASN B 82 6.52 -4.94 5.59
CA ASN B 82 5.91 -3.63 5.92
C ASN B 82 6.38 -3.13 7.31
N CYS B 83 7.03 -1.98 7.36
CA CYS B 83 7.58 -1.44 8.58
C CYS B 83 6.82 -0.17 8.88
N PHE B 84 5.98 -0.22 9.91
CA PHE B 84 5.10 0.90 10.27
C PHE B 84 5.92 2.19 10.34
N PRO B 85 5.45 3.33 9.84
CA PRO B 85 4.15 3.54 9.18
C PRO B 85 4.08 3.27 7.65
N HIS B 86 5.05 2.53 7.10
CA HIS B 86 5.22 2.38 5.67
C HIS B 86 4.56 1.11 5.15
N HIS B 87 4.19 1.12 3.87
CA HIS B 87 3.58 -0.04 3.19
C HIS B 87 4.54 -0.39 2.06
N GLY B 88 5.31 -1.46 2.23
CA GLY B 88 6.23 -1.88 1.18
C GLY B 88 7.22 -0.77 0.91
N TYR B 89 7.68 -0.63 -0.34
CA TYR B 89 8.56 0.49 -0.73
C TYR B 89 7.75 1.77 -0.82
N ILE B 90 8.34 2.88 -0.38
CA ILE B 90 7.63 4.18 -0.40
C ILE B 90 8.01 5.09 -1.55
N HIS B 91 8.76 4.52 -2.49
CA HIS B 91 9.12 5.13 -3.77
C HIS B 91 8.95 4.11 -4.92
N ASN B 92 8.80 4.60 -6.15
CA ASN B 92 9.07 3.75 -7.29
C ASN B 92 10.58 3.52 -7.26
N TYR B 93 10.99 2.25 -7.22
CA TYR B 93 12.35 1.89 -6.90
C TYR B 93 13.02 1.11 -8.04
N GLY B 94 14.24 1.49 -8.36
CA GLY B 94 15.02 0.70 -9.31
C GLY B 94 16.45 1.21 -9.39
N ALA B 95 16.92 1.37 -10.62
CA ALA B 95 18.34 1.61 -10.90
C ALA B 95 18.58 2.35 -12.19
N PHE B 96 19.75 2.98 -12.27
CA PHE B 96 20.26 3.51 -13.54
C PHE B 96 21.05 2.39 -14.23
N PRO B 97 20.74 2.14 -15.50
CA PRO B 97 21.52 1.19 -16.27
C PRO B 97 22.93 1.77 -16.52
N GLN B 98 23.89 0.94 -16.90
CA GLN B 98 25.25 1.41 -17.23
C GLN B 98 25.95 2.10 -16.06
N THR B 99 25.63 1.63 -14.84
CA THR B 99 26.33 2.05 -13.61
C THR B 99 26.68 0.82 -12.78
N TRP B 100 27.62 1.00 -11.84
CA TRP B 100 28.08 -0.09 -10.97
C TRP B 100 28.70 0.55 -9.73
N GLU B 101 28.28 0.07 -8.56
CA GLU B 101 28.94 0.44 -7.31
C GLU B 101 30.10 -0.51 -7.20
N ASP B 102 31.28 -0.03 -7.58
CA ASP B 102 32.42 -0.91 -7.67
C ASP B 102 32.71 -1.62 -6.34
N PRO B 103 32.67 -2.95 -6.29
CA PRO B 103 32.93 -3.69 -5.05
C PRO B 103 34.41 -3.90 -4.76
N ASN B 104 35.28 -3.49 -5.68
CA ASN B 104 36.70 -3.79 -5.56
C ASN B 104 37.54 -2.62 -5.04
N VAL B 105 36.90 -1.50 -4.76
CA VAL B 105 37.58 -0.36 -4.19
C VAL B 105 36.76 0.21 -3.05
N SER B 106 37.45 0.81 -2.08
CA SER B 106 36.83 1.58 -0.99
C SER B 106 36.45 2.96 -1.44
N HIS B 107 35.16 3.29 -1.36
CA HIS B 107 34.68 4.57 -1.86
C HIS B 107 34.97 5.65 -0.81
N PRO B 108 35.61 6.78 -1.19
CA PRO B 108 36.10 7.75 -0.20
C PRO B 108 35.05 8.37 0.71
N GLU B 109 33.84 8.57 0.21
CA GLU B 109 32.78 9.23 0.97
C GLU B 109 32.28 8.39 2.14
N THR B 110 32.33 7.07 1.99
CA THR B 110 31.75 6.16 2.98
C THR B 110 32.79 5.25 3.63
N LYS B 111 34.01 5.24 3.10
CA LYS B 111 35.05 4.31 3.52
C LYS B 111 34.62 2.84 3.39
N ALA B 112 33.78 2.53 2.42
CA ALA B 112 33.34 1.16 2.21
C ALA B 112 33.32 0.82 0.71
N VAL B 113 33.54 -0.45 0.42
CA VAL B 113 33.32 -0.96 -0.93
C VAL B 113 31.87 -0.84 -1.37
N GLY B 114 31.67 -0.94 -2.69
CA GLY B 114 30.36 -0.88 -3.28
C GLY B 114 29.60 -2.18 -3.18
N ASP B 115 28.27 -2.05 -3.28
CA ASP B 115 27.39 -3.19 -3.14
C ASP B 115 27.27 -4.06 -4.41
N ASN B 116 28.10 -3.80 -5.41
CA ASN B 116 28.24 -4.66 -6.64
C ASN B 116 27.04 -4.58 -7.59
N ASP B 117 26.20 -3.56 -7.44
CA ASP B 117 24.95 -3.42 -8.20
C ASP B 117 24.94 -2.07 -8.88
N PRO B 118 24.08 -1.90 -9.89
CA PRO B 118 23.78 -0.57 -10.45
C PRO B 118 23.34 0.39 -9.36
N ILE B 119 23.69 1.66 -9.52
CA ILE B 119 23.26 2.68 -8.56
C ILE B 119 21.76 2.74 -8.49
N ASN B 120 21.24 2.81 -7.26
CA ASN B 120 19.79 2.79 -7.04
C ASN B 120 19.13 4.18 -7.08
N VAL B 121 17.88 4.17 -7.47
CA VAL B 121 17.13 5.37 -7.77
C VAL B 121 15.78 5.26 -7.10
N LEU B 122 15.45 6.29 -6.34
CA LEU B 122 14.14 6.46 -5.72
C LEU B 122 13.35 7.53 -6.53
N GLU B 123 12.32 7.12 -7.28
CA GLU B 123 11.57 8.09 -8.11
C GLU B 123 10.29 8.47 -7.36
N ILE B 124 10.07 9.78 -7.14
CA ILE B 124 9.18 10.26 -6.08
C ILE B 124 7.84 10.78 -6.62
N GLY B 125 7.60 10.64 -7.92
CA GLY B 125 6.42 11.21 -8.56
C GLY B 125 5.13 10.51 -8.16
N GLU B 126 3.99 11.10 -8.55
CA GLU B 126 2.70 10.59 -8.07
C GLU B 126 2.27 9.21 -8.64
N THR B 127 2.55 8.94 -9.91
CA THR B 127 2.06 7.73 -10.56
C THR B 127 2.92 6.56 -10.18
N ILE B 128 2.26 5.47 -9.79
CA ILE B 128 2.92 4.21 -9.53
C ILE B 128 3.43 3.60 -10.83
N ALA B 129 4.69 3.21 -10.77
CA ALA B 129 5.42 2.71 -11.94
C ALA B 129 5.15 1.20 -12.09
N TYR B 130 5.76 0.60 -13.10
CA TYR B 130 5.65 -0.85 -13.33
C TYR B 130 7.03 -1.48 -13.56
N THR B 131 7.14 -2.74 -13.16
CA THR B 131 8.39 -3.46 -13.26
C THR B 131 8.87 -3.59 -14.71
N GLY B 132 10.11 -3.20 -15.01
CA GLY B 132 10.58 -3.24 -16.38
C GLY B 132 10.33 -1.97 -17.17
N GLN B 133 9.59 -1.05 -16.59
CA GLN B 133 9.44 0.26 -17.16
C GLN B 133 10.78 0.96 -17.29
N VAL B 134 10.98 1.60 -18.43
CA VAL B 134 12.06 2.56 -18.60
C VAL B 134 11.42 3.94 -18.58
N LYS B 135 11.67 4.71 -17.54
CA LYS B 135 11.18 6.08 -17.52
C LYS B 135 12.32 7.07 -17.54
N GLN B 136 11.98 8.28 -17.93
CA GLN B 136 12.95 9.36 -18.00
C GLN B 136 12.79 10.23 -16.77
N VAL B 137 13.89 10.48 -16.09
CA VAL B 137 13.91 11.16 -14.81
C VAL B 137 14.99 12.25 -14.79
N LYS B 138 14.73 13.27 -13.96
CA LYS B 138 15.71 14.25 -13.52
C LYS B 138 16.23 13.86 -12.13
N ALA B 139 17.52 13.99 -11.91
CA ALA B 139 18.11 13.79 -10.59
C ALA B 139 17.95 15.06 -9.81
N LEU B 140 17.63 14.93 -8.53
CA LEU B 140 17.43 16.04 -7.61
C LEU B 140 18.46 16.06 -6.45
N GLY B 141 18.99 14.90 -6.11
CA GLY B 141 19.89 14.76 -4.99
C GLY B 141 20.27 13.33 -4.76
N ILE B 142 20.94 13.05 -3.65
CA ILE B 142 21.50 11.73 -3.40
C ILE B 142 21.80 11.51 -1.91
N MET B 143 21.58 10.28 -1.44
CA MET B 143 21.86 9.92 -0.05
C MET B 143 22.82 8.78 -0.02
N ALA B 144 23.71 8.79 0.97
CA ALA B 144 24.79 7.84 1.04
C ALA B 144 24.47 6.71 2.02
N LEU B 145 23.72 5.71 1.57
CA LEU B 145 23.39 4.57 2.44
C LEU B 145 24.54 3.61 2.53
N LEU B 146 24.76 3.06 3.71
CA LEU B 146 25.64 1.91 3.93
C LEU B 146 24.69 0.75 4.19
N ASP B 147 24.55 -0.10 3.19
CA ASP B 147 23.58 -1.18 3.24
C ASP B 147 24.37 -2.43 3.61
N GLU B 148 24.18 -2.89 4.85
CA GLU B 148 24.99 -3.96 5.44
C GLU B 148 26.49 -3.71 5.18
N GLY B 149 26.91 -2.47 5.45
CA GLY B 149 28.29 -2.07 5.42
C GLY B 149 28.84 -1.71 4.03
N GLU B 150 27.99 -1.67 3.01
CA GLU B 150 28.45 -1.41 1.63
C GLU B 150 27.83 -0.13 1.05
N THR B 151 28.64 0.55 0.25
CA THR B 151 28.27 1.82 -0.34
C THR B 151 27.12 1.57 -1.30
N ASP B 152 26.02 2.24 -1.02
CA ASP B 152 24.77 1.96 -1.70
C ASP B 152 23.98 3.29 -1.84
N TRP B 153 24.56 4.23 -2.58
CA TRP B 153 23.95 5.50 -2.85
C TRP B 153 22.51 5.36 -3.36
N LYS B 154 21.64 6.28 -2.95
CA LYS B 154 20.27 6.40 -3.47
C LYS B 154 20.06 7.78 -4.08
N VAL B 155 19.94 7.81 -5.39
CA VAL B 155 19.54 9.00 -6.12
C VAL B 155 18.05 9.29 -5.89
N ILE B 156 17.77 10.54 -5.53
CA ILE B 156 16.44 11.11 -5.53
C ILE B 156 16.15 11.73 -6.90
N ALA B 157 15.06 11.24 -7.51
CA ALA B 157 14.71 11.58 -8.88
C ALA B 157 13.21 11.73 -9.09
N ILE B 158 12.83 12.39 -10.17
CA ILE B 158 11.43 12.49 -10.56
C ILE B 158 11.24 12.32 -12.04
N ASP B 159 10.16 11.61 -12.37
CA ASP B 159 9.72 11.38 -13.74
C ASP B 159 9.55 12.74 -14.39
N ILE B 160 10.15 12.97 -15.55
CA ILE B 160 10.00 14.25 -16.23
C ILE B 160 8.54 14.54 -16.65
N ASN B 161 7.72 13.50 -16.75
CA ASN B 161 6.27 13.69 -17.02
C ASN B 161 5.40 13.96 -15.81
N ASP B 162 5.96 13.91 -14.59
CA ASP B 162 5.18 14.29 -13.44
C ASP B 162 4.68 15.77 -13.53
N PRO B 163 3.45 16.05 -13.11
CA PRO B 163 2.98 17.43 -13.12
C PRO B 163 3.90 18.43 -12.39
N LEU B 164 4.60 17.96 -11.36
CA LEU B 164 5.49 18.80 -10.56
C LEU B 164 6.92 18.89 -11.09
N ALA B 165 7.28 18.07 -12.07
CA ALA B 165 8.68 18.07 -12.55
C ALA B 165 9.30 19.45 -12.81
N PRO B 166 8.62 20.34 -13.55
CA PRO B 166 9.13 21.72 -13.77
C PRO B 166 9.42 22.54 -12.51
N LYS B 167 8.72 22.25 -11.41
CA LYS B 167 8.99 22.89 -10.12
C LYS B 167 10.08 22.23 -9.27
N LEU B 168 10.54 21.06 -9.66
CA LEU B 168 11.53 20.27 -8.90
C LEU B 168 12.86 20.27 -9.62
N ASN B 169 13.79 21.05 -9.11
CA ASN B 169 15.07 21.21 -9.78
C ASN B 169 16.29 20.82 -8.93
N ASP B 170 16.16 20.90 -7.62
CA ASP B 170 17.22 20.50 -6.71
C ASP B 170 16.59 19.96 -5.41
N ILE B 171 17.44 19.49 -4.51
CA ILE B 171 16.99 18.69 -3.36
C ILE B 171 16.10 19.46 -2.39
N GLU B 172 16.32 20.76 -2.29
CA GLU B 172 15.51 21.62 -1.42
C GLU B 172 14.03 21.63 -1.87
N ASP B 173 13.81 21.59 -3.18
CA ASP B 173 12.47 21.53 -3.75
C ASP B 173 11.69 20.27 -3.31
N VAL B 174 12.39 19.17 -3.05
CA VAL B 174 11.75 17.95 -2.56
C VAL B 174 11.10 18.23 -1.20
N GLU B 175 11.84 18.92 -0.34
CA GLU B 175 11.31 19.20 0.99
C GLU B 175 10.12 20.13 0.90
N LYS B 176 10.14 21.06 -0.07
CA LYS B 176 9.05 22.01 -0.25
C LYS B 176 7.73 21.33 -0.70
N TYR B 177 7.79 20.46 -1.71
CA TYR B 177 6.60 19.86 -2.27
C TYR B 177 6.26 18.49 -1.71
N PHE B 178 7.22 17.87 -1.04
CA PHE B 178 7.07 16.53 -0.49
C PHE B 178 7.52 16.55 0.98
N PRO B 179 7.01 17.45 1.82
CA PRO B 179 7.53 17.55 3.19
C PRO B 179 7.44 16.24 4.01
N GLY B 180 8.54 15.86 4.67
CA GLY B 180 8.58 14.63 5.45
C GLY B 180 9.12 13.43 4.65
N LEU B 181 9.09 13.52 3.32
CA LEU B 181 9.44 12.40 2.46
C LEU B 181 10.93 12.01 2.64
N LEU B 182 11.84 12.97 2.64
CA LEU B 182 13.27 12.69 2.80
C LEU B 182 13.57 12.08 4.17
N ARG B 183 12.96 12.63 5.20
CA ARG B 183 13.04 12.07 6.56
C ARG B 183 12.55 10.62 6.64
N ALA B 184 11.41 10.35 6.02
CA ALA B 184 10.84 9.00 5.95
C ALA B 184 11.75 8.05 5.20
N THR B 185 12.36 8.54 4.13
CA THR B 185 13.26 7.78 3.27
C THR B 185 14.49 7.35 4.08
N ASN B 186 15.05 8.28 4.82
CA ASN B 186 16.12 7.97 5.77
C ASN B 186 15.71 6.84 6.72
N GLU B 187 14.53 6.95 7.32
CA GLU B 187 14.03 5.91 8.20
C GLU B 187 13.88 4.56 7.48
N TRP B 188 13.26 4.58 6.30
CA TRP B 188 12.92 3.37 5.58
C TRP B 188 14.17 2.51 5.34
N PHE B 189 15.23 3.13 4.83
CA PHE B 189 16.40 2.40 4.47
C PHE B 189 17.20 1.98 5.68
N ARG B 190 17.04 2.66 6.81
CA ARG B 190 17.66 2.22 8.08
C ARG B 190 17.01 0.92 8.58
N ILE B 191 15.69 0.84 8.51
CA ILE B 191 14.92 -0.18 9.24
C ILE B 191 14.39 -1.35 8.42
N TYR B 192 14.40 -1.29 7.08
CA TYR B 192 13.58 -2.21 6.27
C TYR B 192 13.96 -3.69 6.39
N LYS B 193 15.20 -3.99 6.74
CA LYS B 193 15.65 -5.38 6.92
C LYS B 193 15.65 -5.85 8.37
N ILE B 194 15.25 -4.99 9.31
CA ILE B 194 15.16 -5.40 10.72
C ILE B 194 14.20 -6.60 10.87
N PRO B 195 13.04 -6.58 10.21
CA PRO B 195 12.20 -7.78 10.17
C PRO B 195 12.84 -9.05 9.54
N ASP B 196 13.94 -8.88 8.80
CA ASP B 196 14.69 -9.99 8.26
C ASP B 196 15.73 -10.53 9.26
N GLY B 197 15.82 -9.93 10.44
CA GLY B 197 16.84 -10.28 11.40
C GLY B 197 18.20 -9.71 11.07
N LYS B 198 18.25 -8.64 10.28
CA LYS B 198 19.50 -7.90 10.00
C LYS B 198 19.59 -6.68 10.90
N PRO B 199 20.79 -6.16 11.12
CA PRO B 199 20.91 -4.91 11.89
C PRO B 199 20.33 -3.69 11.14
N GLU B 200 20.11 -2.61 11.88
CA GLU B 200 19.81 -1.30 11.30
C GLU B 200 20.98 -0.83 10.40
N ASN B 201 20.64 -0.30 9.22
CA ASN B 201 21.61 0.28 8.30
C ASN B 201 21.95 1.67 8.83
N GLN B 202 22.93 2.30 8.20
CA GLN B 202 23.47 3.60 8.57
C GLN B 202 23.67 4.40 7.27
N PHE B 203 23.63 5.72 7.38
CA PHE B 203 23.97 6.63 6.30
C PHE B 203 25.23 7.39 6.68
N ALA B 204 26.07 7.70 5.70
CA ALA B 204 27.13 8.73 5.84
C ALA B 204 26.47 10.11 5.90
N PHE B 205 27.23 11.12 6.31
CA PHE B 205 26.76 12.51 6.34
C PHE B 205 25.53 12.66 7.25
N SER B 206 25.39 11.78 8.23
CA SER B 206 24.27 11.80 9.16
C SER B 206 22.91 11.81 8.42
N GLY B 207 22.86 11.10 7.29
CA GLY B 207 21.67 11.00 6.45
C GLY B 207 21.34 12.17 5.54
N GLU B 208 22.20 13.20 5.52
CA GLU B 208 21.97 14.36 4.67
C GLU B 208 21.72 13.96 3.24
N ALA B 209 20.71 14.53 2.63
CA ALA B 209 20.51 14.40 1.18
C ALA B 209 21.37 15.47 0.49
N LYS B 210 22.46 15.07 -0.15
CA LYS B 210 23.29 15.96 -0.93
C LYS B 210 22.54 16.41 -2.18
N ASN B 211 22.95 17.56 -2.73
CA ASN B 211 22.23 18.21 -3.82
C ASN B 211 22.49 17.60 -5.21
N LYS B 212 21.84 18.17 -6.24
CA LYS B 212 21.91 17.65 -7.60
C LYS B 212 23.34 17.60 -8.12
N LYS B 213 24.10 18.65 -7.86
CA LYS B 213 25.48 18.73 -8.35
C LYS B 213 26.30 17.57 -7.80
N TYR B 214 26.11 17.29 -6.53
CA TYR B 214 26.82 16.19 -5.86
C TYR B 214 26.38 14.85 -6.48
N ALA B 215 25.07 14.75 -6.73
CA ALA B 215 24.44 13.53 -7.25
C ALA B 215 25.02 13.22 -8.60
N LEU B 216 25.11 14.23 -9.44
CA LEU B 216 25.58 14.03 -10.80
C LEU B 216 27.03 13.51 -10.80
N ASP B 217 27.80 13.94 -9.82
CA ASP B 217 29.22 13.55 -9.71
C ASP B 217 29.34 12.09 -9.35
N ILE B 218 28.45 11.61 -8.47
CA ILE B 218 28.46 10.23 -8.02
C ILE B 218 27.93 9.32 -9.11
N ILE B 219 26.91 9.77 -9.86
CA ILE B 219 26.36 9.02 -10.99
C ILE B 219 27.44 8.84 -12.03
N LYS B 220 28.20 9.90 -12.32
CA LYS B 220 29.34 9.78 -13.25
C LYS B 220 30.37 8.73 -12.79
N GLU B 221 30.74 8.76 -11.53
CA GLU B 221 31.68 7.80 -10.98
C GLU B 221 31.19 6.35 -11.23
N THR B 222 29.91 6.08 -10.93
CA THR B 222 29.34 4.75 -11.11
C THR B 222 29.23 4.37 -12.58
N HIS B 223 29.02 5.34 -13.44
CA HIS B 223 29.06 5.10 -14.89
C HIS B 223 30.46 4.73 -15.37
N ASP B 224 31.48 5.37 -14.82
CA ASP B 224 32.87 5.06 -15.15
C ASP B 224 33.24 3.66 -14.69
N SER B 225 32.80 3.26 -13.51
CA SER B 225 33.08 1.91 -13.01
C SER B 225 32.48 0.91 -13.98
N TRP B 226 31.27 1.21 -14.46
CA TRP B 226 30.60 0.34 -15.41
C TRP B 226 31.34 0.29 -16.75
N LYS B 227 31.91 1.42 -17.20
CA LYS B 227 32.62 1.43 -18.48
C LYS B 227 33.80 0.49 -18.42
N GLN B 228 34.53 0.50 -17.29
CA GLN B 228 35.63 -0.43 -17.04
C GLN B 228 35.12 -1.88 -17.02
N LEU B 229 34.06 -2.12 -16.27
CA LEU B 229 33.46 -3.45 -16.13
C LEU B 229 33.12 -4.02 -17.52
N ILE B 230 32.36 -3.24 -18.31
CA ILE B 230 31.84 -3.75 -19.60
C ILE B 230 32.92 -3.97 -20.67
N ALA B 231 34.01 -3.25 -20.56
CA ALA B 231 35.14 -3.39 -21.46
C ALA B 231 35.97 -4.63 -21.12
N GLY B 232 35.62 -5.31 -20.03
CA GLY B 232 36.36 -6.47 -19.58
C GLY B 232 37.57 -6.14 -18.74
N LYS B 233 37.65 -4.91 -18.23
CA LYS B 233 38.85 -4.40 -17.55
C LYS B 233 38.75 -4.32 -16.03
N SER B 234 37.65 -4.74 -15.43
CA SER B 234 37.58 -4.78 -13.97
C SER B 234 38.55 -5.82 -13.37
N SER B 235 39.11 -5.53 -12.21
CA SER B 235 39.97 -6.50 -11.51
C SER B 235 39.19 -7.76 -11.04
N ASP B 236 37.88 -7.62 -10.87
CA ASP B 236 37.03 -8.76 -10.53
C ASP B 236 35.57 -8.43 -10.85
N SER B 237 35.08 -9.00 -11.96
CA SER B 237 33.73 -8.71 -12.44
C SER B 237 32.64 -9.53 -11.75
N LYS B 238 33.00 -10.30 -10.72
CA LYS B 238 32.04 -11.02 -9.85
C LYS B 238 31.09 -11.95 -10.55
N GLY B 239 31.52 -12.56 -11.66
CA GLY B 239 30.67 -13.50 -12.37
C GLY B 239 29.46 -12.84 -13.04
N ILE B 240 29.54 -11.52 -13.22
CA ILE B 240 28.45 -10.79 -13.85
C ILE B 240 28.40 -11.18 -15.32
N ASP B 241 27.20 -11.46 -15.82
CA ASP B 241 27.02 -11.64 -17.26
C ASP B 241 27.07 -10.30 -17.98
N LEU B 242 28.11 -10.13 -18.80
CA LEU B 242 28.35 -8.91 -19.59
C LEU B 242 27.86 -8.95 -21.04
N THR B 243 27.10 -9.98 -21.38
CA THR B 243 26.56 -10.11 -22.71
C THR B 243 25.72 -8.86 -22.97
N ASN B 244 25.92 -8.25 -24.14
CA ASN B 244 25.10 -7.14 -24.55
C ASN B 244 24.82 -7.18 -26.07
N VAL B 245 23.81 -6.43 -26.51
CA VAL B 245 23.42 -6.43 -27.91
C VAL B 245 23.55 -5.08 -28.59
N THR B 246 24.11 -4.08 -27.90
CA THR B 246 24.22 -2.72 -28.44
C THR B 246 25.61 -2.10 -28.36
N LEU B 247 26.60 -2.77 -27.77
CA LEU B 247 27.91 -2.17 -27.54
C LEU B 247 29.01 -2.94 -28.30
N PRO B 248 29.08 -2.68 -29.61
CA PRO B 248 30.03 -3.37 -30.50
C PRO B 248 31.50 -3.36 -30.03
N ASP B 249 31.99 -2.31 -29.36
CA ASP B 249 33.39 -2.29 -28.97
C ASP B 249 33.69 -3.12 -27.71
N THR B 250 32.72 -3.86 -27.20
CA THR B 250 32.93 -4.70 -26.02
C THR B 250 33.19 -6.11 -26.45
N PRO B 251 34.02 -6.81 -25.68
CA PRO B 251 34.33 -8.22 -25.95
C PRO B 251 33.09 -9.15 -25.93
N THR B 252 32.03 -8.75 -25.22
CA THR B 252 30.85 -9.59 -25.00
C THR B 252 29.61 -9.17 -25.79
N TYR B 253 29.83 -8.31 -26.79
CA TYR B 253 28.79 -7.94 -27.73
C TYR B 253 28.36 -9.17 -28.51
N SER B 254 27.05 -9.31 -28.64
CA SER B 254 26.48 -10.42 -29.38
C SER B 254 25.03 -10.09 -29.70
N LYS B 255 24.76 -9.52 -30.86
CA LYS B 255 23.37 -9.15 -31.20
C LYS B 255 22.40 -10.34 -31.11
N ALA B 256 22.88 -11.57 -31.40
CA ALA B 256 22.02 -12.77 -31.41
C ALA B 256 21.66 -13.39 -30.04
N ALA B 257 22.19 -12.85 -28.95
CA ALA B 257 21.81 -13.34 -27.62
C ALA B 257 20.33 -13.02 -27.42
N SER B 258 19.87 -11.97 -28.09
CA SER B 258 18.46 -11.59 -28.08
C SER B 258 17.51 -12.67 -28.62
N ASP B 259 17.91 -13.36 -29.70
CA ASP B 259 17.08 -14.39 -30.33
C ASP B 259 16.86 -15.61 -29.47
N ALA B 260 17.78 -15.82 -28.52
CA ALA B 260 17.82 -16.99 -27.67
C ALA B 260 16.85 -16.91 -26.50
N ILE B 261 16.27 -15.75 -26.28
CA ILE B 261 15.33 -15.59 -25.20
C ILE B 261 13.99 -16.22 -25.56
N PRO B 262 13.38 -16.98 -24.64
CA PRO B 262 12.05 -17.51 -24.91
C PRO B 262 11.00 -16.43 -25.11
N PRO B 263 9.91 -16.82 -25.74
CA PRO B 263 8.79 -15.90 -25.92
C PRO B 263 8.11 -15.54 -24.56
N ALA B 264 7.37 -14.44 -24.54
CA ALA B 264 6.52 -14.10 -23.39
C ALA B 264 5.59 -15.29 -23.07
N SER B 265 5.39 -15.54 -21.79
CA SER B 265 4.44 -16.54 -21.34
C SER B 265 3.78 -15.95 -20.10
N LEU B 266 3.15 -14.80 -20.28
CA LEU B 266 2.58 -14.05 -19.16
C LEU B 266 1.36 -14.76 -18.58
N LYS B 267 1.44 -15.07 -17.29
CA LYS B 267 0.32 -15.60 -16.51
C LYS B 267 -0.14 -14.57 -15.45
N ALA B 268 -1.32 -14.79 -14.90
CA ALA B 268 -1.85 -13.92 -13.86
C ALA B 268 -0.98 -14.00 -12.61
N ASP B 269 -0.86 -12.86 -11.91
CA ASP B 269 -0.14 -12.77 -10.63
C ASP B 269 -0.55 -13.92 -9.74
N ALA B 270 0.44 -14.63 -9.20
CA ALA B 270 0.21 -15.71 -8.24
C ALA B 270 -0.08 -15.10 -6.88
N PRO B 271 -0.78 -15.85 -6.01
CA PRO B 271 -1.04 -15.38 -4.64
C PRO B 271 0.23 -15.22 -3.84
N ILE B 272 0.20 -14.24 -2.95
CA ILE B 272 1.26 -14.00 -2.01
C ILE B 272 0.80 -14.48 -0.64
N ASP B 273 1.66 -15.21 0.06
CA ASP B 273 1.42 -15.69 1.42
C ASP B 273 0.96 -14.56 2.32
N LYS B 274 -0.08 -14.81 3.10
CA LYS B 274 -0.65 -13.76 3.96
C LYS B 274 0.32 -13.15 4.99
N SER B 275 1.34 -13.92 5.38
CA SER B 275 2.40 -13.39 6.25
C SER B 275 2.93 -12.02 5.78
N ILE B 276 3.04 -11.82 4.47
CA ILE B 276 3.53 -10.57 3.89
C ILE B 276 2.65 -9.37 4.18
N ASP B 277 1.38 -9.59 4.52
CA ASP B 277 0.52 -8.48 4.96
C ASP B 277 1.04 -7.78 6.20
N LYS B 278 1.71 -8.53 7.09
CA LYS B 278 2.01 -8.09 8.45
C LYS B 278 2.69 -6.72 8.53
N TRP B 279 2.19 -5.89 9.45
CA TRP B 279 2.82 -4.61 9.75
C TRP B 279 3.71 -4.76 10.97
N PHE B 280 5.00 -4.51 10.79
CA PHE B 280 6.03 -4.65 11.77
C PHE B 280 6.22 -3.31 12.46
N PHE B 281 6.14 -3.33 13.78
CA PHE B 281 6.36 -2.17 14.63
C PHE B 281 7.76 -2.27 15.24
N ILE B 282 8.67 -1.48 14.71
CA ILE B 282 10.08 -1.54 15.08
C ILE B 282 10.35 -0.41 16.08
MG MG C . -19.49 6.54 10.47
MG MG D . -20.06 8.27 4.61
P PO4 E . -17.26 8.88 5.86
O1 PO4 E . -17.68 7.79 6.84
O2 PO4 E . -17.46 10.27 6.40
O3 PO4 E . -15.80 8.67 5.45
O4 PO4 E . -18.23 8.86 4.70
MG MG F . 22.16 -1.06 -4.18
P PO4 G . 19.13 -4.90 -0.98
O1 PO4 G . 20.14 -4.74 0.14
O2 PO4 G . 19.49 -4.08 -2.21
O3 PO4 G . 17.76 -4.45 -0.50
O4 PO4 G . 19.04 -6.35 -1.38
#